data_8QO2
#
_entry.id   8QO2
#
_cell.length_a   1.00
_cell.length_b   1.00
_cell.length_c   1.00
_cell.angle_alpha   90.00
_cell.angle_beta   90.00
_cell.angle_gamma   90.00
#
_symmetry.space_group_name_H-M   'P 1'
#
_entity_poly.entity_id   1
_entity_poly.type   'polyribonucleotide'
_entity_poly.pdbx_seq_one_letter_code
;UUCUGCUGUUAACAGCUUUCAGCCAGGGACGUGUUGUAUCCUAGGCAGUGGCCCUCCCAUAGGUCACAAUGUCGAAGAUC
AACAAAUACGGUCUCGAACUACACUGGGCUCCAGAAUUUCCAUGGAUGUUUGAGGACGCAGAGGAGAAGUUGGACAACCC
UAGUAGUUCAGAGGUGGAUAUGAUUUGCUCCACCACUGCGCAAAAGCUGGAAACAGACGGAA
;
_entity_poly.pdbx_strand_id   A
#